data_8CC0
#
_entry.id   8CC0
#
_cell.length_a   79.411
_cell.length_b   79.411
_cell.length_c   251.858
_cell.angle_alpha   90.000
_cell.angle_beta   90.000
_cell.angle_gamma   120.000
#
_symmetry.space_group_name_H-M   'P 65 2 2'
#
loop_
_entity.id
_entity.type
_entity.pdbx_description
1 polymer 'anti-cortisol (17) Fab (light chain)'
2 polymer 'anti-cortisol (17) Fab (heavy chain)'
3 non-polymer Cortisone
4 water water
#
loop_
_entity_poly.entity_id
_entity_poly.type
_entity_poly.pdbx_seq_one_letter_code
_entity_poly.pdbx_strand_id
1 'polypeptide(L)'
;DIELTQSPAVMSAFPGEEVTMTCSASSSINYMHWYQQKPGTSPKRWIYDTSKLASGVPARFSGSGSGTSYSLTISSMEAE
DAATYYCHQRSIFTFGSGTKLEIKRADAAPTVSIFPPSSEQLTSGGASVVCFLNNFYPKDINVKWKIDGSERQNGVLNSW
TDQDSKDSTYSMSSTLTLTKDEYERHNSYTCEATHKTSTSPIVKSFNRNEC
;
L
2 'polypeptide(L)'
;EVQLVESGGGLVKPGGSLKLSCAASGFAFGNYDMSWVRQTPEKRLEWVAFIGSGGGRIYYGDTMKGRFTISRDNAKNTLY
LQMSSLKSEDTAMYYCTRHYNYYYSMDYWGQGTSVIVSSAKTTPPSVYPLAPGSAAQTNSMVTLGCLVKGYFPEPVTVTW
NSGSLSSGVHTFPAVLQSDLYTLSSSVTVPSSTWPSETVTCNVAHPASSTKVDKKIVPRDCAAAHHHHHH
;
H
#
# COMPACT_ATOMS: atom_id res chain seq x y z
N ASP A 1 -11.02 -7.13 -28.29
CA ASP A 1 -10.63 -6.54 -26.98
C ASP A 1 -9.13 -6.29 -26.97
N ILE A 2 -8.72 -5.09 -27.34
CA ILE A 2 -7.28 -4.83 -27.41
C ILE A 2 -6.77 -4.74 -25.98
N GLU A 3 -5.73 -5.48 -25.67
CA GLU A 3 -5.23 -5.54 -24.29
C GLU A 3 -3.75 -5.20 -24.27
N LEU A 4 -3.28 -4.72 -23.12
CA LEU A 4 -1.91 -4.29 -22.94
C LEU A 4 -1.22 -5.22 -21.96
N THR A 5 0.03 -5.58 -22.27
CA THR A 5 0.84 -6.32 -21.31
C THR A 5 2.16 -5.58 -21.15
N GLN A 6 2.66 -5.52 -19.91
CA GLN A 6 3.91 -4.82 -19.61
C GLN A 6 4.97 -5.79 -19.11
N SER A 7 6.21 -5.55 -19.50
CA SER A 7 7.35 -6.35 -19.07
C SER A 7 8.52 -5.42 -18.78
N PRO A 8 9.31 -5.68 -17.71
CA PRO A 8 9.04 -6.69 -16.66
C PRO A 8 8.01 -6.18 -15.65
N ALA A 9 7.46 -7.08 -14.84
CA ALA A 9 6.56 -6.64 -13.78
C ALA A 9 7.30 -5.85 -12.71
N VAL A 10 8.50 -6.31 -12.34
CA VAL A 10 9.32 -5.70 -11.31
C VAL A 10 10.77 -5.72 -11.81
N MET A 11 11.48 -4.62 -11.57
CA MET A 11 12.90 -4.58 -11.91
C MET A 11 13.59 -3.63 -10.93
N SER A 12 14.86 -3.87 -10.69
CA SER A 12 15.64 -3.04 -9.80
C SER A 12 16.95 -2.67 -10.47
N ALA A 13 17.44 -1.47 -10.17
CA ALA A 13 18.68 -1.02 -10.76
C ALA A 13 19.34 -0.03 -9.80
N PHE A 14 20.66 0.02 -9.88
CA PHE A 14 21.39 1.07 -9.19
C PHE A 14 21.15 2.40 -9.89
N PRO A 15 21.17 3.50 -9.14
CA PRO A 15 21.23 4.81 -9.79
C PRO A 15 22.45 4.85 -10.71
N GLY A 16 22.27 5.48 -11.86
CA GLY A 16 23.29 5.55 -12.87
C GLY A 16 23.07 4.60 -14.03
N GLU A 17 22.15 3.66 -13.92
CA GLU A 17 21.97 2.67 -14.97
C GLU A 17 20.96 3.16 -15.99
N GLU A 18 21.05 2.60 -17.19
CA GLU A 18 19.98 2.70 -18.19
C GLU A 18 18.84 1.74 -17.85
N VAL A 19 17.60 2.20 -18.01
CA VAL A 19 16.41 1.41 -17.69
C VAL A 19 15.49 1.41 -18.91
N THR A 20 14.98 0.23 -19.27
CA THR A 20 13.99 0.08 -20.33
C THR A 20 12.86 -0.81 -19.86
N MET A 21 11.64 -0.39 -20.14
CA MET A 21 10.49 -1.25 -19.92
C MET A 21 9.57 -1.18 -21.13
N THR A 22 8.78 -2.24 -21.31
CA THR A 22 8.03 -2.46 -22.54
C THR A 22 6.53 -2.60 -22.26
N CYS A 23 5.74 -2.11 -23.22
CA CYS A 23 4.28 -2.20 -23.21
C CYS A 23 3.86 -2.77 -24.54
N SER A 24 3.21 -3.93 -24.52
CA SER A 24 2.83 -4.65 -25.73
C SER A 24 1.32 -4.66 -25.90
N ALA A 25 0.86 -4.48 -27.13
CA ALA A 25 -0.57 -4.43 -27.43
C ALA A 25 -0.95 -5.62 -28.31
N SER A 26 -2.13 -6.20 -28.04
CA SER A 26 -2.57 -7.39 -28.76
C SER A 26 -2.85 -7.11 -30.23
N SER A 27 -3.01 -5.85 -30.60
CA SER A 27 -3.11 -5.45 -32.01
C SER A 27 -2.69 -4.00 -32.08
N SER A 28 -2.44 -3.53 -33.30
CA SER A 28 -1.74 -2.26 -33.48
C SER A 28 -2.60 -1.07 -33.07
N ILE A 29 -1.97 -0.13 -32.34
CA ILE A 29 -2.58 1.10 -31.87
C ILE A 29 -1.49 2.18 -31.89
N ASN A 30 -1.87 3.43 -31.62
CA ASN A 30 -0.91 4.51 -31.63
C ASN A 30 -1.23 5.50 -30.51
N TYR A 31 -0.29 6.42 -30.28
CA TYR A 31 -0.40 7.46 -29.24
C TYR A 31 -0.56 6.85 -27.85
N MET A 32 0.49 6.15 -27.42
CA MET A 32 0.55 5.49 -26.12
C MET A 32 0.89 6.48 -25.01
N HIS A 33 0.27 6.30 -23.84
CA HIS A 33 0.56 7.16 -22.69
C HIS A 33 1.17 6.33 -21.58
N TRP A 34 1.92 6.99 -20.70
CA TRP A 34 2.57 6.36 -19.54
C TRP A 34 2.28 7.19 -18.31
N TYR A 35 1.86 6.53 -17.23
CA TYR A 35 1.54 7.18 -15.95
C TYR A 35 2.46 6.63 -14.85
N GLN A 36 2.91 7.53 -13.97
CA GLN A 36 3.80 7.20 -12.86
C GLN A 36 3.00 7.20 -11.56
N GLN A 37 3.19 6.18 -10.73
CA GLN A 37 2.51 6.17 -9.43
C GLN A 37 3.48 5.73 -8.34
N LYS A 38 3.43 6.43 -7.20
CA LYS A 38 4.20 6.11 -6.01
C LYS A 38 3.23 5.83 -4.86
N PRO A 39 3.65 5.07 -3.83
CA PRO A 39 2.69 4.60 -2.83
C PRO A 39 1.95 5.75 -2.15
N GLY A 40 0.64 5.58 -2.01
CA GLY A 40 -0.18 6.55 -1.33
C GLY A 40 -0.56 7.78 -2.12
N THR A 41 -0.17 7.90 -3.39
CA THR A 41 -0.60 9.06 -4.19
C THR A 41 -1.25 8.58 -5.48
N SER A 42 -1.86 9.55 -6.19
CA SER A 42 -2.56 9.29 -7.44
C SER A 42 -1.57 9.06 -8.58
N PRO A 43 -1.98 8.33 -9.62
CA PRO A 43 -1.20 8.31 -10.87
C PRO A 43 -1.01 9.71 -11.42
N LYS A 44 0.10 9.88 -12.12
CA LYS A 44 0.57 11.15 -12.67
C LYS A 44 0.89 10.95 -14.15
N ARG A 45 0.37 11.80 -15.02
CA ARG A 45 0.74 11.73 -16.41
C ARG A 45 2.25 11.97 -16.54
N TRP A 46 2.92 11.08 -17.24
CA TRP A 46 4.39 11.13 -17.34
C TRP A 46 4.83 11.30 -18.78
N ILE A 47 4.41 10.42 -19.66
CA ILE A 47 4.67 10.51 -21.09
C ILE A 47 3.33 10.36 -21.78
N TYR A 48 3.12 11.13 -22.84
CA TYR A 48 1.83 11.06 -23.58
C TYR A 48 2.07 11.20 -25.09
N ASP A 49 1.14 10.65 -25.87
CA ASP A 49 1.26 10.70 -27.35
C ASP A 49 2.54 9.96 -27.76
N THR A 50 2.84 8.84 -27.10
CA THR A 50 4.00 7.98 -27.40
C THR A 50 5.35 8.61 -26.97
N SER A 51 5.57 9.90 -27.22
CA SER A 51 6.92 10.49 -27.01
C SER A 51 6.91 11.83 -26.26
N LYS A 52 5.76 12.43 -26.01
CA LYS A 52 5.78 13.76 -25.41
C LYS A 52 5.91 13.68 -23.90
N LEU A 53 6.85 14.45 -23.32
CA LEU A 53 7.05 14.45 -21.88
C LEU A 53 6.08 15.42 -21.22
N ALA A 54 5.45 14.99 -20.13
CA ALA A 54 4.61 15.88 -19.35
C ALA A 54 5.47 16.92 -18.66
N SER A 55 4.83 18.00 -18.23
CA SER A 55 5.54 19.03 -17.48
C SER A 55 6.16 18.43 -16.23
N GLY A 56 7.37 18.87 -15.90
CA GLY A 56 8.05 18.37 -14.73
C GLY A 56 8.84 17.08 -14.93
N VAL A 57 8.81 16.49 -16.12
CA VAL A 57 9.47 15.21 -16.38
C VAL A 57 10.86 15.48 -16.93
N PRO A 58 11.93 14.99 -16.29
CA PRO A 58 13.29 15.26 -16.79
C PRO A 58 13.52 14.63 -18.15
N ALA A 59 14.44 15.25 -18.90
CA ALA A 59 14.78 14.77 -20.24
C ALA A 59 15.46 13.40 -20.24
N ARG A 60 15.86 12.87 -19.07
CA ARG A 60 16.37 11.50 -19.04
C ARG A 60 15.32 10.47 -19.49
N PHE A 61 14.02 10.79 -19.37
CA PHE A 61 12.95 9.89 -19.80
C PHE A 61 12.66 10.06 -21.28
N SER A 62 12.40 8.95 -21.96
CA SER A 62 11.91 9.02 -23.33
C SER A 62 10.94 7.87 -23.56
N GLY A 63 9.95 8.12 -24.41
CA GLY A 63 9.01 7.10 -24.82
C GLY A 63 9.14 6.91 -26.33
N SER A 64 8.96 5.67 -26.77
CA SER A 64 9.06 5.37 -28.19
C SER A 64 8.17 4.18 -28.49
N GLY A 65 8.06 3.84 -29.77
CA GLY A 65 7.35 2.64 -30.19
C GLY A 65 6.34 2.92 -31.31
N SER A 66 5.74 1.83 -31.78
CA SER A 66 4.69 1.88 -32.78
C SER A 66 4.03 0.52 -32.84
N GLY A 67 2.89 0.47 -33.53
CA GLY A 67 2.28 -0.81 -33.79
C GLY A 67 1.84 -1.46 -32.50
N THR A 68 2.42 -2.63 -32.23
CA THR A 68 2.09 -3.42 -31.06
C THR A 68 3.16 -3.36 -29.98
N SER A 69 4.13 -2.45 -30.09
CA SER A 69 5.25 -2.48 -29.16
C SER A 69 5.67 -1.07 -28.80
N TYR A 70 5.68 -0.78 -27.49
CA TYR A 70 6.02 0.55 -27.00
C TYR A 70 6.97 0.40 -25.82
N SER A 71 7.72 1.45 -25.53
CA SER A 71 8.70 1.36 -24.47
C SER A 71 8.90 2.72 -23.81
N LEU A 72 9.26 2.67 -22.52
CA LEU A 72 9.68 3.83 -21.77
C LEU A 72 11.13 3.57 -21.36
N THR A 73 11.98 4.57 -21.54
CA THR A 73 13.41 4.44 -21.32
C THR A 73 13.87 5.55 -20.40
N ILE A 74 14.81 5.23 -19.50
CA ILE A 74 15.40 6.20 -18.58
C ILE A 74 16.91 6.12 -18.72
N SER A 75 17.57 7.25 -18.98
CA SER A 75 19.03 7.28 -18.91
C SER A 75 19.46 7.69 -17.51
N SER A 76 20.61 7.17 -17.09
CA SER A 76 21.28 7.50 -15.84
C SER A 76 20.27 7.63 -14.68
N MET A 77 19.64 6.51 -14.36
CA MET A 77 18.49 6.55 -13.48
C MET A 77 18.84 7.15 -12.11
N GLU A 78 17.87 7.83 -11.51
CA GLU A 78 18.02 8.49 -10.22
C GLU A 78 17.04 7.89 -9.23
N ALA A 79 17.34 8.06 -7.94
CA ALA A 79 16.55 7.38 -6.91
C ALA A 79 15.09 7.80 -6.96
N GLU A 80 14.83 9.08 -7.28
CA GLU A 80 13.47 9.61 -7.33
C GLU A 80 12.65 9.01 -8.46
N ASP A 81 13.31 8.34 -9.41
CA ASP A 81 12.61 7.65 -10.49
C ASP A 81 11.85 6.42 -10.01
N ALA A 82 12.18 5.88 -8.84
CA ALA A 82 11.54 4.65 -8.37
C ALA A 82 10.04 4.85 -8.23
N ALA A 83 9.27 4.00 -8.89
CA ALA A 83 7.81 4.15 -8.99
C ALA A 83 7.31 2.99 -9.83
N THR A 84 5.97 2.87 -9.92
CA THR A 84 5.34 1.99 -10.89
C THR A 84 4.92 2.82 -12.09
N TYR A 85 5.22 2.34 -13.30
CA TYR A 85 4.87 3.00 -14.54
C TYR A 85 3.85 2.17 -15.30
N TYR A 86 2.71 2.78 -15.65
CA TYR A 86 1.61 2.07 -16.29
C TYR A 86 1.39 2.62 -17.70
N CYS A 87 1.24 1.73 -18.69
CA CYS A 87 0.86 2.24 -20.00
C CYS A 87 -0.66 2.20 -20.21
N HIS A 88 -1.12 3.03 -21.13
CA HIS A 88 -2.55 3.10 -21.46
C HIS A 88 -2.71 3.86 -22.78
N GLN A 89 -3.79 3.55 -23.50
CA GLN A 89 -4.06 4.15 -24.80
C GLN A 89 -5.56 4.33 -24.93
N ARG A 90 -5.97 5.26 -25.81
CA ARG A 90 -7.35 5.79 -25.77
C ARG A 90 -8.43 4.75 -26.03
N SER A 91 -8.10 3.59 -26.59
CA SER A 91 -9.13 2.60 -26.91
C SER A 91 -9.15 1.44 -25.91
N ILE A 92 -8.39 1.53 -24.81
CA ILE A 92 -8.13 0.41 -23.89
C ILE A 92 -8.92 0.60 -22.61
N PHE A 93 -9.66 -0.45 -22.20
CA PHE A 93 -10.39 -0.44 -20.94
C PHE A 93 -9.45 -0.58 -19.74
N THR A 94 -8.59 -1.58 -19.75
CA THR A 94 -7.71 -1.84 -18.61
C THR A 94 -6.30 -1.38 -18.91
N PHE A 95 -5.76 -0.50 -18.05
CA PHE A 95 -4.38 -0.08 -18.16
C PHE A 95 -3.46 -1.32 -18.12
N GLY A 96 -2.28 -1.19 -18.73
CA GLY A 96 -1.25 -2.18 -18.46
C GLY A 96 -1.02 -2.40 -16.98
N SER A 97 -0.55 -3.59 -16.58
CA SER A 97 -0.48 -3.89 -15.16
C SER A 97 0.73 -3.26 -14.47
N GLY A 98 1.63 -2.62 -15.20
CA GLY A 98 2.65 -1.79 -14.59
C GLY A 98 4.00 -2.47 -14.51
N THR A 99 5.06 -1.66 -14.58
CA THR A 99 6.41 -2.09 -14.22
C THR A 99 6.81 -1.31 -12.98
N LYS A 100 7.15 -2.02 -11.90
CA LYS A 100 7.60 -1.37 -10.68
C LYS A 100 9.11 -1.30 -10.70
N LEU A 101 9.64 -0.08 -10.71
CA LEU A 101 11.09 0.13 -10.75
C LEU A 101 11.56 0.36 -9.33
N GLU A 102 12.49 -0.47 -8.86
CA GLU A 102 12.98 -0.38 -7.50
C GLU A 102 14.47 -0.05 -7.51
N ILE A 103 14.99 0.35 -6.36
CA ILE A 103 16.35 0.86 -6.25
C ILE A 103 17.26 -0.22 -5.68
N LYS A 104 18.34 -0.55 -6.40
CA LYS A 104 19.33 -1.48 -5.89
C LYS A 104 20.30 -0.74 -4.98
N ARG A 105 20.69 -1.40 -3.89
CA ARG A 105 21.66 -0.87 -2.93
C ARG A 105 22.48 -2.03 -2.40
N ALA A 106 23.42 -1.71 -1.51
CA ALA A 106 24.26 -2.74 -0.90
C ALA A 106 23.42 -3.66 -0.02
N ASP A 107 23.72 -4.97 -0.08
CA ASP A 107 23.07 -5.96 0.78
C ASP A 107 23.15 -5.53 2.24
N ALA A 108 22.11 -5.87 3.02
CA ALA A 108 22.09 -5.59 4.46
C ALA A 108 21.30 -6.66 5.21
N ALA A 109 21.88 -7.16 6.34
CA ALA A 109 21.17 -8.16 7.13
C ALA A 109 20.12 -7.51 8.04
N PRO A 110 19.01 -8.20 8.32
CA PRO A 110 17.95 -7.59 9.14
C PRO A 110 18.39 -7.47 10.59
N THR A 111 17.82 -6.48 11.26
CA THR A 111 17.79 -6.45 12.72
C THR A 111 16.51 -7.16 13.16
N VAL A 112 16.64 -8.25 13.93
CA VAL A 112 15.51 -9.14 14.19
C VAL A 112 15.08 -8.98 15.64
N SER A 113 13.78 -8.91 15.86
CA SER A 113 13.36 -8.91 17.26
C SER A 113 12.01 -9.62 17.41
N ILE A 114 11.84 -10.28 18.55
CA ILE A 114 10.68 -11.11 18.78
C ILE A 114 9.94 -10.66 20.04
N PHE A 115 8.61 -10.76 20.00
CA PHE A 115 7.77 -10.30 21.10
C PHE A 115 6.76 -11.37 21.49
N PRO A 116 6.72 -11.77 22.75
CA PRO A 116 5.66 -12.65 23.22
C PRO A 116 4.33 -11.96 23.19
N PRO A 117 3.23 -12.72 23.18
CA PRO A 117 1.90 -12.13 23.34
C PRO A 117 1.83 -11.29 24.61
N SER A 118 1.20 -10.14 24.49
CA SER A 118 0.95 -9.30 25.65
C SER A 118 -0.08 -9.94 26.58
N SER A 119 -0.01 -9.60 27.87
CA SER A 119 -1.00 -10.11 28.81
C SER A 119 -2.40 -9.61 28.45
N GLU A 120 -2.50 -8.38 27.92
CA GLU A 120 -3.80 -7.87 27.51
C GLU A 120 -4.41 -8.70 26.40
N GLN A 121 -3.62 -9.07 25.38
CA GLN A 121 -4.17 -9.95 24.35
C GLN A 121 -4.53 -11.32 24.91
N LEU A 122 -3.70 -11.85 25.80
CA LEU A 122 -4.01 -13.17 26.37
C LEU A 122 -5.33 -13.14 27.14
N THR A 123 -5.59 -12.03 27.85
CA THR A 123 -6.85 -11.88 28.58
C THR A 123 -8.05 -12.10 27.67
N SER A 124 -7.95 -11.62 26.43
CA SER A 124 -9.02 -11.73 25.45
C SER A 124 -9.07 -13.08 24.77
N GLY A 125 -8.12 -13.97 25.02
CA GLY A 125 -8.18 -15.33 24.50
C GLY A 125 -7.42 -15.58 23.22
N GLY A 126 -6.62 -14.62 22.74
CA GLY A 126 -5.80 -14.80 21.57
C GLY A 126 -4.33 -14.60 21.91
N ALA A 127 -3.45 -14.98 20.99
CA ALA A 127 -2.02 -14.93 21.27
C ALA A 127 -1.26 -14.75 19.96
N SER A 128 -0.76 -13.54 19.71
CA SER A 128 0.05 -13.25 18.55
C SER A 128 1.50 -13.16 19.01
N VAL A 129 2.40 -13.88 18.34
CA VAL A 129 3.84 -13.71 18.55
C VAL A 129 4.40 -12.95 17.37
N VAL A 130 5.01 -11.78 17.62
CA VAL A 130 5.38 -10.86 16.55
C VAL A 130 6.89 -10.88 16.41
N CYS A 131 7.36 -11.01 15.17
CA CYS A 131 8.77 -10.91 14.86
C CYS A 131 8.96 -9.82 13.81
N PHE A 132 9.83 -8.85 14.10
CA PHE A 132 10.20 -7.79 13.16
C PHE A 132 11.56 -8.10 12.55
N LEU A 133 11.66 -7.95 11.23
CA LEU A 133 12.91 -8.10 10.49
C LEU A 133 13.16 -6.77 9.78
N ASN A 134 14.00 -5.90 10.36
CA ASN A 134 14.02 -4.50 9.96
C ASN A 134 15.28 -4.12 9.21
N ASN A 135 15.10 -3.27 8.17
CA ASN A 135 16.20 -2.59 7.48
C ASN A 135 17.15 -3.55 6.78
N PHE A 136 16.62 -4.42 5.93
CA PHE A 136 17.44 -5.37 5.21
C PHE A 136 17.35 -5.16 3.69
N TYR A 137 18.30 -5.78 2.98
CA TYR A 137 18.29 -5.75 1.51
C TYR A 137 19.06 -6.97 1.04
N PRO A 138 18.61 -7.69 0.01
CA PRO A 138 17.45 -7.48 -0.86
C PRO A 138 16.13 -7.86 -0.21
N LYS A 139 15.04 -7.71 -0.96
CA LYS A 139 13.71 -7.94 -0.41
C LYS A 139 13.47 -9.40 -0.07
N ASP A 140 14.10 -10.30 -0.81
CA ASP A 140 13.85 -11.72 -0.64
C ASP A 140 14.47 -12.22 0.66
N ILE A 141 13.63 -12.66 1.59
CA ILE A 141 14.14 -13.17 2.86
C ILE A 141 13.21 -14.29 3.31
N ASN A 142 13.77 -15.27 4.00
CA ASN A 142 12.99 -16.39 4.47
C ASN A 142 12.87 -16.33 5.99
N VAL A 143 11.64 -16.44 6.50
CA VAL A 143 11.37 -16.49 7.93
C VAL A 143 10.86 -17.88 8.28
N LYS A 144 11.47 -18.50 9.27
CA LYS A 144 11.02 -19.79 9.79
C LYS A 144 10.69 -19.68 11.28
N TRP A 145 9.60 -20.31 11.67
CA TRP A 145 9.14 -20.38 13.06
C TRP A 145 9.35 -21.79 13.58
N LYS A 146 9.95 -21.91 14.78
CA LYS A 146 10.03 -23.20 15.46
C LYS A 146 9.42 -23.09 16.86
N ILE A 147 8.54 -24.04 17.17
CA ILE A 147 7.85 -24.13 18.43
C ILE A 147 8.33 -25.44 19.05
N ASP A 148 8.97 -25.36 20.23
CA ASP A 148 9.50 -26.53 20.92
C ASP A 148 10.28 -27.44 19.96
N GLY A 149 11.04 -26.83 19.05
CA GLY A 149 11.96 -27.55 18.19
C GLY A 149 11.39 -28.06 16.88
N SER A 150 10.08 -27.97 16.66
CA SER A 150 9.49 -28.44 15.41
C SER A 150 9.02 -27.24 14.59
N GLU A 151 9.38 -27.24 13.30
CA GLU A 151 8.99 -26.15 12.42
C GLU A 151 7.47 -26.00 12.38
N ARG A 152 7.01 -24.75 12.33
CA ARG A 152 5.58 -24.44 12.29
C ARG A 152 5.27 -23.53 11.12
N GLN A 153 4.18 -23.83 10.42
CA GLN A 153 3.89 -23.22 9.12
C GLN A 153 2.48 -22.65 9.08
N ASN A 154 1.59 -23.18 9.89
CA ASN A 154 0.21 -22.74 9.94
C ASN A 154 0.08 -21.51 10.84
N GLY A 155 -0.71 -20.52 10.40
CA GLY A 155 -0.98 -19.37 11.25
C GLY A 155 0.03 -18.25 11.21
N VAL A 156 0.92 -18.24 10.22
CA VAL A 156 1.91 -17.18 10.03
C VAL A 156 1.45 -16.23 8.93
N LEU A 157 1.52 -14.92 9.20
CA LEU A 157 1.25 -13.88 8.21
C LEU A 157 2.45 -12.95 8.14
N ASN A 158 2.95 -12.71 6.93
CA ASN A 158 4.11 -11.86 6.71
C ASN A 158 3.69 -10.62 5.94
N SER A 159 4.27 -9.48 6.28
CA SER A 159 3.95 -8.23 5.60
C SER A 159 5.22 -7.41 5.43
N TRP A 160 5.56 -7.11 4.17
CA TRP A 160 6.72 -6.29 3.81
C TRP A 160 6.33 -4.84 3.63
N THR A 161 7.20 -3.94 4.07
CA THR A 161 7.00 -2.53 3.74
C THR A 161 7.40 -2.27 2.28
N ASP A 162 6.87 -1.18 1.73
CA ASP A 162 7.44 -0.67 0.49
C ASP A 162 8.89 -0.28 0.74
N GLN A 163 9.70 -0.34 -0.32
CA GLN A 163 11.09 0.06 -0.21
C GLN A 163 11.19 1.41 0.49
N ASP A 164 12.14 1.55 1.39
CA ASP A 164 12.22 2.73 2.23
C ASP A 164 12.75 3.92 1.44
N SER A 165 12.06 5.06 1.54
CA SER A 165 12.33 6.20 0.66
C SER A 165 13.66 6.89 0.95
N LYS A 166 14.26 6.69 2.14
CA LYS A 166 15.55 7.32 2.41
C LYS A 166 16.75 6.37 2.28
N ASP A 167 16.65 5.11 2.74
CA ASP A 167 17.83 4.24 2.66
C ASP A 167 17.67 3.02 1.77
N SER A 168 16.51 2.86 1.10
CA SER A 168 16.24 1.81 0.12
C SER A 168 16.24 0.41 0.71
N THR A 169 16.19 0.27 2.04
CA THR A 169 16.01 -1.04 2.65
C THR A 169 14.53 -1.43 2.68
N TYR A 170 14.29 -2.69 2.98
CA TYR A 170 12.97 -3.22 3.26
C TYR A 170 12.89 -3.61 4.72
N SER A 171 11.68 -3.70 5.24
CA SER A 171 11.41 -4.28 6.55
C SER A 171 10.22 -5.20 6.41
N MET A 172 10.11 -6.19 7.30
CA MET A 172 8.96 -7.08 7.23
C MET A 172 8.57 -7.52 8.62
N SER A 173 7.27 -7.75 8.82
CA SER A 173 6.78 -8.37 10.04
C SER A 173 6.37 -9.81 9.71
N SER A 174 6.64 -10.72 10.65
CA SER A 174 6.15 -12.09 10.58
C SER A 174 5.40 -12.35 11.88
N THR A 175 4.12 -12.64 11.78
CA THR A 175 3.27 -12.77 12.97
C THR A 175 2.64 -14.15 13.02
N LEU A 176 2.86 -14.86 14.13
CA LEU A 176 2.28 -16.17 14.40
C LEU A 176 1.09 -15.99 15.33
N THR A 177 -0.12 -16.24 14.84
CA THR A 177 -1.33 -16.04 15.63
C THR A 177 -1.87 -17.39 16.05
N LEU A 178 -2.10 -17.55 17.35
CA LEU A 178 -2.57 -18.80 17.93
C LEU A 178 -3.71 -18.48 18.87
N THR A 179 -4.54 -19.47 19.18
CA THR A 179 -5.44 -19.33 20.31
C THR A 179 -4.61 -19.28 21.59
N LYS A 180 -5.18 -18.65 22.63
CA LYS A 180 -4.47 -18.63 23.91
C LYS A 180 -4.15 -20.05 24.37
N ASP A 181 -5.11 -20.96 24.22
CA ASP A 181 -4.91 -22.32 24.68
C ASP A 181 -3.78 -23.03 23.94
N GLU A 182 -3.72 -22.88 22.60
CA GLU A 182 -2.59 -23.46 21.87
C GLU A 182 -1.26 -22.84 22.29
N TYR A 183 -1.24 -21.51 22.47
CA TYR A 183 0.00 -20.87 22.90
C TYR A 183 0.46 -21.43 24.24
N GLU A 184 -0.48 -21.72 25.13
CA GLU A 184 -0.15 -22.12 26.49
C GLU A 184 0.34 -23.57 26.59
N ARG A 185 0.23 -24.35 25.51
CA ARG A 185 0.65 -25.73 25.49
C ARG A 185 2.09 -25.91 25.04
N HIS A 186 2.79 -24.83 24.70
CA HIS A 186 4.17 -24.93 24.25
C HIS A 186 4.99 -23.84 24.90
N ASN A 187 6.31 -24.01 24.82
CA ASN A 187 7.21 -23.24 25.66
C ASN A 187 8.22 -22.41 24.88
N SER A 188 8.99 -23.02 23.98
CA SER A 188 10.04 -22.34 23.23
C SER A 188 9.44 -21.79 21.93
N TYR A 189 9.60 -20.49 21.70
CA TYR A 189 9.16 -19.83 20.47
C TYR A 189 10.36 -19.18 19.81
N THR A 190 10.61 -19.52 18.55
CA THR A 190 11.77 -19.06 17.80
C THR A 190 11.36 -18.49 16.45
N CYS A 191 11.92 -17.33 16.10
CA CYS A 191 11.82 -16.73 14.78
C CYS A 191 13.23 -16.74 14.17
N GLU A 192 13.39 -17.34 12.99
CA GLU A 192 14.67 -17.48 12.30
C GLU A 192 14.60 -16.78 10.96
N ALA A 193 15.55 -15.89 10.71
CA ALA A 193 15.64 -15.15 9.46
C ALA A 193 16.82 -15.69 8.66
N THR A 194 16.55 -16.16 7.45
CA THR A 194 17.60 -16.60 6.54
C THR A 194 17.66 -15.67 5.34
N HIS A 195 18.77 -14.97 5.22
CA HIS A 195 18.95 -13.93 4.18
C HIS A 195 20.29 -14.17 3.49
N LYS A 196 20.39 -13.83 2.21
CA LYS A 196 21.60 -14.12 1.45
C LYS A 196 22.84 -13.35 1.96
N THR A 197 22.69 -12.49 2.96
CA THR A 197 23.86 -11.85 3.56
C THR A 197 24.68 -12.80 4.43
N SER A 198 24.12 -13.95 4.81
CA SER A 198 24.87 -14.94 5.58
C SER A 198 24.30 -16.33 5.36
N THR A 199 25.19 -17.32 5.42
CA THR A 199 24.75 -18.71 5.37
C THR A 199 24.11 -19.14 6.69
N SER A 200 24.30 -18.38 7.76
CA SER A 200 23.74 -18.76 9.06
C SER A 200 22.58 -17.84 9.42
N PRO A 201 21.44 -18.39 9.84
CA PRO A 201 20.27 -17.56 10.14
C PRO A 201 20.53 -16.66 11.35
N ILE A 202 19.74 -15.59 11.41
CA ILE A 202 19.63 -14.78 12.63
C ILE A 202 18.45 -15.33 13.42
N VAL A 203 18.68 -15.60 14.72
CA VAL A 203 17.75 -16.33 15.57
C VAL A 203 17.38 -15.46 16.77
N LYS A 204 16.08 -15.31 17.01
CA LYS A 204 15.59 -14.72 18.26
C LYS A 204 14.52 -15.65 18.82
N SER A 205 14.49 -15.78 20.16
CA SER A 205 13.65 -16.79 20.79
C SER A 205 13.29 -16.37 22.21
N PHE A 206 12.29 -17.04 22.78
CA PHE A 206 11.95 -16.88 24.19
C PHE A 206 11.24 -18.14 24.68
N ASN A 207 11.26 -18.32 26.00
CA ASN A 207 10.48 -19.35 26.68
C ASN A 207 9.26 -18.68 27.30
N ARG A 208 8.07 -19.25 27.08
CA ARG A 208 6.88 -18.66 27.65
C ARG A 208 6.87 -18.80 29.17
N ASN A 209 7.45 -19.87 29.73
CA ASN A 209 7.49 -20.04 31.20
C ASN A 209 8.52 -19.14 31.88
N GLU A 210 9.06 -18.16 31.17
CA GLU A 210 9.78 -17.04 31.78
C GLU A 210 8.89 -15.81 31.73
N CYS A 211 9.15 -14.86 32.65
CA CYS A 211 8.27 -13.70 32.79
C CYS A 211 6.79 -14.11 32.91
N GLU B 1 -3.06 25.31 -8.31
CA GLU B 1 -3.97 25.92 -9.29
C GLU B 1 -5.13 24.98 -9.60
N VAL B 2 -4.92 24.05 -10.53
CA VAL B 2 -5.95 23.06 -10.85
C VAL B 2 -6.14 22.14 -9.65
N GLN B 3 -7.39 21.95 -9.23
CA GLN B 3 -7.71 21.01 -8.16
C GLN B 3 -8.89 20.15 -8.58
N LEU B 4 -8.80 18.86 -8.29
CA LEU B 4 -9.91 17.93 -8.43
C LEU B 4 -10.04 17.20 -7.10
N VAL B 5 -11.21 17.24 -6.50
CA VAL B 5 -11.39 16.79 -5.12
C VAL B 5 -12.59 15.86 -5.06
N GLU B 6 -12.36 14.58 -4.78
CA GLU B 6 -13.41 13.58 -4.80
C GLU B 6 -14.03 13.40 -3.42
N SER B 7 -15.26 12.91 -3.40
CA SER B 7 -15.91 12.56 -2.15
C SER B 7 -17.01 11.56 -2.45
N GLY B 8 -17.62 11.04 -1.39
CA GLY B 8 -18.76 10.15 -1.49
C GLY B 8 -18.46 8.68 -1.34
N GLY B 9 -17.17 8.30 -1.28
CA GLY B 9 -16.84 6.90 -1.14
C GLY B 9 -17.09 6.39 0.26
N GLY B 10 -17.12 5.07 0.39
CA GLY B 10 -17.26 4.49 1.71
C GLY B 10 -17.61 3.01 1.63
N LEU B 11 -18.10 2.50 2.75
CA LEU B 11 -18.49 1.10 2.87
C LEU B 11 -19.93 0.97 2.39
N VAL B 12 -20.18 -0.01 1.54
CA VAL B 12 -21.51 -0.22 0.99
C VAL B 12 -21.72 -1.72 0.89
N LYS B 13 -22.94 -2.16 1.20
CA LYS B 13 -23.22 -3.58 1.15
C LYS B 13 -23.38 -4.00 -0.31
N PRO B 14 -23.08 -5.26 -0.63
CA PRO B 14 -23.34 -5.74 -1.99
C PRO B 14 -24.79 -5.54 -2.38
N GLY B 15 -25.01 -5.15 -3.65
CA GLY B 15 -26.31 -4.76 -4.14
C GLY B 15 -26.71 -3.33 -3.84
N GLY B 16 -25.93 -2.60 -3.04
CA GLY B 16 -26.23 -1.23 -2.74
C GLY B 16 -25.83 -0.27 -3.85
N SER B 17 -26.04 1.01 -3.59
CA SER B 17 -25.71 2.08 -4.52
C SER B 17 -24.90 3.15 -3.82
N LEU B 18 -24.25 4.00 -4.61
CA LEU B 18 -23.45 5.09 -4.09
C LEU B 18 -23.33 6.15 -5.18
N LYS B 19 -23.22 7.41 -4.78
CA LYS B 19 -22.94 8.48 -5.72
C LYS B 19 -21.63 9.15 -5.33
N LEU B 20 -20.66 9.16 -6.25
CA LEU B 20 -19.39 9.82 -6.02
C LEU B 20 -19.45 11.20 -6.67
N SER B 21 -18.74 12.15 -6.05
CA SER B 21 -18.65 13.50 -6.56
C SER B 21 -17.19 13.88 -6.76
N CYS B 22 -16.97 14.82 -7.68
CA CYS B 22 -15.61 15.34 -7.95
C CYS B 22 -15.71 16.84 -8.18
N ALA B 23 -15.28 17.64 -7.21
CA ALA B 23 -15.32 19.10 -7.27
C ALA B 23 -14.08 19.64 -7.98
N ALA B 24 -14.28 20.48 -8.98
CA ALA B 24 -13.18 20.98 -9.80
C ALA B 24 -12.94 22.46 -9.52
N SER B 25 -11.68 22.87 -9.54
CA SER B 25 -11.29 24.24 -9.28
C SER B 25 -10.12 24.61 -10.18
N GLY B 26 -10.00 25.89 -10.52
CA GLY B 26 -8.82 26.41 -11.17
C GLY B 26 -8.79 26.31 -12.68
N PHE B 27 -9.89 25.93 -13.32
CA PHE B 27 -9.90 25.83 -14.77
C PHE B 27 -11.33 25.90 -15.28
N ALA B 28 -11.45 26.15 -16.58
CA ALA B 28 -12.77 26.25 -17.18
C ALA B 28 -13.36 24.84 -17.34
N PHE B 29 -14.02 24.36 -16.27
CA PHE B 29 -14.46 22.97 -16.17
C PHE B 29 -15.24 22.51 -17.41
N GLY B 30 -16.08 23.40 -17.94
CA GLY B 30 -16.97 23.03 -19.02
C GLY B 30 -16.32 22.88 -20.37
N ASN B 31 -15.05 23.26 -20.50
CA ASN B 31 -14.31 23.04 -21.75
C ASN B 31 -13.59 21.70 -21.81
N TYR B 32 -13.66 20.88 -20.77
CA TYR B 32 -12.85 19.67 -20.70
C TYR B 32 -13.71 18.41 -20.58
N ASP B 33 -13.37 17.42 -21.41
CA ASP B 33 -13.81 16.04 -21.19
C ASP B 33 -13.24 15.54 -19.86
N MET B 34 -13.99 14.67 -19.18
CA MET B 34 -13.68 14.21 -17.83
C MET B 34 -13.87 12.70 -17.77
N SER B 35 -13.17 12.03 -16.85
CA SER B 35 -13.33 10.58 -16.67
C SER B 35 -13.28 10.17 -15.21
N TRP B 36 -13.80 8.97 -14.97
CA TRP B 36 -13.57 8.22 -13.73
C TRP B 36 -12.73 7.01 -14.07
N VAL B 37 -11.65 6.80 -13.30
CA VAL B 37 -10.76 5.65 -13.40
C VAL B 37 -10.64 5.06 -12.01
N ARG B 38 -10.72 3.73 -11.88
CA ARG B 38 -10.65 3.11 -10.55
C ARG B 38 -9.43 2.20 -10.47
N GLN B 39 -8.86 2.08 -9.28
CA GLN B 39 -7.74 1.19 -9.04
C GLN B 39 -8.15 0.16 -8.00
N THR B 40 -8.13 -1.11 -8.41
CA THR B 40 -8.59 -2.21 -7.57
C THR B 40 -7.56 -2.51 -6.49
N PRO B 41 -7.89 -3.38 -5.52
CA PRO B 41 -6.89 -3.75 -4.51
C PRO B 41 -5.64 -4.37 -5.09
N GLU B 42 -5.76 -5.03 -6.24
CA GLU B 42 -4.61 -5.59 -6.95
C GLU B 42 -3.83 -4.54 -7.76
N LYS B 43 -4.13 -3.25 -7.57
CA LYS B 43 -3.47 -2.12 -8.24
C LYS B 43 -3.81 -2.04 -9.74
N ARG B 44 -4.81 -2.79 -10.18
CA ARG B 44 -5.24 -2.75 -11.58
C ARG B 44 -6.06 -1.48 -11.84
N LEU B 45 -5.75 -0.78 -12.94
CA LEU B 45 -6.41 0.48 -13.28
C LEU B 45 -7.40 0.25 -14.43
N GLU B 46 -8.65 0.66 -14.21
CA GLU B 46 -9.75 0.36 -15.13
C GLU B 46 -10.48 1.66 -15.46
N TRP B 47 -10.66 1.93 -16.76
CA TRP B 47 -11.37 3.13 -17.21
C TRP B 47 -12.87 2.91 -17.07
N VAL B 48 -13.49 3.56 -16.08
CA VAL B 48 -14.89 3.29 -15.74
C VAL B 48 -15.84 4.06 -16.65
N ALA B 49 -15.60 5.37 -16.81
CA ALA B 49 -16.58 6.19 -17.49
C ALA B 49 -15.89 7.44 -18.00
N PHE B 50 -16.44 7.98 -19.08
CA PHE B 50 -15.91 9.14 -19.78
C PHE B 50 -17.11 10.01 -20.13
N ILE B 51 -16.96 11.32 -20.03
CA ILE B 51 -18.03 12.24 -20.43
C ILE B 51 -17.42 13.44 -21.14
N GLY B 52 -18.01 13.80 -22.29
CA GLY B 52 -17.59 14.97 -23.03
C GLY B 52 -17.89 16.26 -22.31
N SER B 53 -17.24 17.33 -22.78
CA SER B 53 -17.30 18.62 -22.09
C SER B 53 -18.74 19.10 -21.96
N GLY B 54 -19.55 18.91 -23.00
CA GLY B 54 -20.92 19.34 -22.91
C GLY B 54 -21.88 18.37 -22.26
N GLY B 55 -21.42 17.19 -21.87
CA GLY B 55 -22.28 16.20 -21.25
C GLY B 55 -23.15 15.42 -22.22
N GLY B 56 -22.91 15.54 -23.52
CA GLY B 56 -23.71 14.85 -24.51
C GLY B 56 -23.05 13.63 -25.13
N ARG B 57 -21.88 13.22 -24.64
CA ARG B 57 -21.13 12.11 -25.20
C ARG B 57 -20.56 11.31 -24.04
N ILE B 58 -20.81 10.00 -24.03
CA ILE B 58 -20.50 9.19 -22.85
C ILE B 58 -20.01 7.82 -23.28
N TYR B 59 -19.04 7.31 -22.53
CA TYR B 59 -18.55 5.93 -22.74
C TYR B 59 -18.35 5.26 -21.37
N TYR B 60 -18.45 3.95 -21.35
CA TYR B 60 -18.26 3.16 -20.13
C TYR B 60 -17.30 2.02 -20.41
N GLY B 61 -16.61 1.59 -19.34
CA GLY B 61 -15.76 0.42 -19.41
C GLY B 61 -16.56 -0.88 -19.56
N ASP B 62 -15.84 -1.95 -19.88
CA ASP B 62 -16.48 -3.18 -20.34
C ASP B 62 -17.32 -3.85 -19.25
N THR B 63 -16.88 -3.81 -17.99
CA THR B 63 -17.62 -4.54 -16.97
C THR B 63 -18.69 -3.69 -16.30
N MET B 64 -18.89 -2.46 -16.78
CA MET B 64 -19.84 -1.55 -16.13
C MET B 64 -21.28 -2.03 -16.33
N LYS B 65 -21.60 -2.44 -17.56
CA LYS B 65 -22.83 -3.17 -17.85
C LYS B 65 -24.06 -2.41 -17.38
N GLY B 66 -24.09 -1.12 -17.66
CA GLY B 66 -25.26 -0.31 -17.36
C GLY B 66 -25.44 0.08 -15.90
N ARG B 67 -24.60 -0.40 -15.00
CA ARG B 67 -24.75 -0.11 -13.57
C ARG B 67 -24.11 1.21 -13.13
N PHE B 68 -23.40 1.92 -14.02
CA PHE B 68 -22.76 3.18 -13.70
C PHE B 68 -23.37 4.29 -14.55
N THR B 69 -23.52 5.48 -13.98
CA THR B 69 -23.98 6.64 -14.73
C THR B 69 -23.10 7.83 -14.42
N ILE B 70 -22.34 8.29 -15.42
CA ILE B 70 -21.53 9.50 -15.30
C ILE B 70 -22.38 10.69 -15.68
N SER B 71 -22.27 11.78 -14.92
CA SER B 71 -22.96 13.02 -15.27
C SER B 71 -22.12 14.19 -14.76
N ARG B 72 -22.48 15.40 -15.20
CA ARG B 72 -21.72 16.57 -14.80
C ARG B 72 -22.66 17.78 -14.71
N ASP B 73 -22.29 18.72 -13.85
CA ASP B 73 -23.02 19.99 -13.69
C ASP B 73 -21.98 21.07 -13.91
N ASN B 74 -21.89 21.58 -15.14
CA ASN B 74 -20.84 22.55 -15.45
C ASN B 74 -21.01 23.84 -14.65
N ALA B 75 -22.24 24.17 -14.27
CA ALA B 75 -22.46 25.39 -13.48
C ALA B 75 -21.89 25.27 -12.07
N LYS B 76 -21.82 24.06 -11.50
CA LYS B 76 -21.22 23.87 -10.19
C LYS B 76 -19.86 23.19 -10.25
N ASN B 77 -19.25 23.09 -11.43
CA ASN B 77 -17.88 22.59 -11.59
C ASN B 77 -17.70 21.25 -10.90
N THR B 78 -18.71 20.38 -11.02
CA THR B 78 -18.71 19.08 -10.34
C THR B 78 -19.02 17.96 -11.33
N LEU B 79 -18.26 16.87 -11.21
CA LEU B 79 -18.46 15.62 -11.93
C LEU B 79 -19.04 14.59 -10.96
N TYR B 80 -19.95 13.72 -11.45
CA TYR B 80 -20.55 12.70 -10.60
C TYR B 80 -20.42 11.32 -11.22
N LEU B 81 -20.53 10.30 -10.36
CA LEU B 81 -20.66 8.92 -10.81
C LEU B 81 -21.68 8.22 -9.91
N GLN B 82 -22.80 7.82 -10.49
CA GLN B 82 -23.82 7.03 -9.80
C GLN B 82 -23.50 5.56 -10.02
N MET B 83 -23.51 4.79 -8.94
CA MET B 83 -23.05 3.42 -8.91
C MET B 83 -24.19 2.61 -8.33
N SER B 84 -24.59 1.50 -8.95
CA SER B 84 -25.72 0.75 -8.42
C SER B 84 -25.50 -0.73 -8.59
N SER B 85 -26.26 -1.54 -7.84
CA SER B 85 -26.12 -2.99 -7.83
C SER B 85 -24.66 -3.39 -7.66
N LEU B 86 -24.03 -2.79 -6.65
CA LEU B 86 -22.59 -2.92 -6.48
C LEU B 86 -22.19 -4.33 -6.10
N LYS B 87 -21.04 -4.77 -6.62
CA LYS B 87 -20.51 -6.10 -6.37
C LYS B 87 -19.13 -5.97 -5.76
N SER B 88 -18.67 -7.09 -5.19
CA SER B 88 -17.35 -7.13 -4.56
C SER B 88 -16.25 -6.67 -5.53
N GLU B 89 -16.40 -6.95 -6.81
CA GLU B 89 -15.41 -6.56 -7.80
C GLU B 89 -15.36 -5.04 -8.05
N ASP B 90 -16.36 -4.28 -7.59
CA ASP B 90 -16.33 -2.82 -7.69
C ASP B 90 -15.58 -2.14 -6.57
N THR B 91 -15.06 -2.89 -5.60
CA THR B 91 -14.21 -2.31 -4.57
C THR B 91 -12.93 -1.76 -5.19
N ALA B 92 -12.66 -0.48 -4.97
CA ALA B 92 -11.50 0.18 -5.59
C ALA B 92 -11.43 1.60 -5.08
N MET B 93 -10.29 2.23 -5.35
CA MET B 93 -10.13 3.69 -5.27
C MET B 93 -10.64 4.32 -6.57
N TYR B 94 -11.55 5.28 -6.46
CA TYR B 94 -12.18 5.93 -7.62
C TYR B 94 -11.59 7.32 -7.83
N TYR B 95 -10.98 7.53 -8.99
CA TYR B 95 -10.28 8.77 -9.33
C TYR B 95 -11.06 9.56 -10.38
N CYS B 96 -11.12 10.86 -10.15
CA CYS B 96 -11.64 11.82 -11.12
C CYS B 96 -10.44 12.22 -11.97
N THR B 97 -10.57 12.23 -13.29
CA THR B 97 -9.46 12.70 -14.14
C THR B 97 -9.93 13.65 -15.21
N ARG B 98 -8.99 14.50 -15.68
CA ARG B 98 -9.26 15.46 -16.74
C ARG B 98 -8.47 15.09 -17.98
N HIS B 99 -9.08 15.27 -19.15
CA HIS B 99 -8.41 14.95 -20.40
C HIS B 99 -7.80 16.20 -21.04
N TYR B 100 -6.61 16.01 -21.62
CA TYR B 100 -5.83 17.07 -22.26
C TYR B 100 -6.33 17.39 -23.66
N ASN B 101 -6.29 16.41 -24.56
CA ASN B 101 -6.67 16.60 -25.97
C ASN B 101 -7.42 15.34 -26.41
N TYR B 102 -7.53 15.15 -27.74
CA TYR B 102 -8.33 14.06 -28.30
C TYR B 102 -7.53 12.79 -28.62
N TYR B 103 -6.33 12.64 -28.07
CA TYR B 103 -5.74 11.32 -27.88
C TYR B 103 -5.95 10.80 -26.46
N TYR B 104 -6.58 11.62 -25.61
CA TYR B 104 -7.21 11.20 -24.35
C TYR B 104 -6.24 10.80 -23.25
N SER B 105 -5.01 11.33 -23.23
CA SER B 105 -4.24 11.26 -21.99
C SER B 105 -4.95 12.06 -20.90
N MET B 106 -4.65 11.71 -19.67
CA MET B 106 -5.31 12.23 -18.49
C MET B 106 -4.31 13.12 -17.75
N ASP B 107 -4.43 14.44 -17.92
CA ASP B 107 -3.34 15.31 -17.47
C ASP B 107 -3.46 15.77 -16.02
N TYR B 108 -4.63 15.61 -15.39
CA TYR B 108 -4.79 15.87 -13.96
C TYR B 108 -5.66 14.79 -13.34
N TRP B 109 -5.31 14.39 -12.12
CA TRP B 109 -6.01 13.36 -11.36
C TRP B 109 -6.39 13.90 -9.99
N GLY B 110 -7.57 13.54 -9.48
CA GLY B 110 -7.91 13.86 -8.12
C GLY B 110 -7.18 12.98 -7.11
N GLN B 111 -7.54 13.14 -5.82
CA GLN B 111 -6.84 12.39 -4.78
C GLN B 111 -7.42 10.99 -4.62
N GLY B 112 -8.61 10.73 -5.15
CA GLY B 112 -9.24 9.43 -5.05
C GLY B 112 -10.22 9.35 -3.90
N THR B 113 -11.32 8.62 -4.07
CA THR B 113 -12.23 8.34 -2.97
C THR B 113 -12.50 6.83 -2.95
N SER B 114 -12.38 6.21 -1.79
CA SER B 114 -12.34 4.76 -1.71
C SER B 114 -13.73 4.18 -1.53
N VAL B 115 -14.06 3.18 -2.34
CA VAL B 115 -15.34 2.47 -2.26
C VAL B 115 -15.04 1.04 -1.88
N ILE B 116 -15.69 0.54 -0.84
CA ILE B 116 -15.48 -0.83 -0.37
C ILE B 116 -16.85 -1.51 -0.34
N VAL B 117 -16.98 -2.60 -1.09
CA VAL B 117 -18.25 -3.31 -1.23
C VAL B 117 -18.13 -4.64 -0.48
N SER B 118 -18.80 -4.77 0.66
CA SER B 118 -18.77 -6.01 1.41
C SER B 118 -19.83 -5.97 2.50
N SER B 119 -20.03 -7.12 3.15
CA SER B 119 -20.97 -7.24 4.26
C SER B 119 -20.34 -6.90 5.61
N ALA B 120 -19.03 -6.66 5.66
CA ALA B 120 -18.35 -6.38 6.91
C ALA B 120 -18.85 -5.05 7.47
N LYS B 121 -18.81 -4.92 8.78
CA LYS B 121 -19.24 -3.69 9.43
C LYS B 121 -18.04 -2.97 10.05
N THR B 122 -18.15 -1.64 10.16
CA THR B 122 -17.09 -0.85 10.78
C THR B 122 -16.82 -1.38 12.18
N THR B 123 -15.54 -1.60 12.49
CA THR B 123 -15.12 -2.24 13.74
C THR B 123 -13.85 -1.54 14.23
N PRO B 124 -13.80 -1.12 15.48
CA PRO B 124 -12.60 -0.44 16.01
C PRO B 124 -11.50 -1.45 16.28
N PRO B 125 -10.24 -1.02 16.29
CA PRO B 125 -9.14 -1.95 16.58
C PRO B 125 -8.94 -2.19 18.07
N SER B 126 -8.46 -3.39 18.38
CA SER B 126 -7.77 -3.63 19.64
C SER B 126 -6.31 -3.27 19.44
N VAL B 127 -5.71 -2.64 20.44
CA VAL B 127 -4.33 -2.21 20.38
C VAL B 127 -3.59 -2.82 21.56
N TYR B 128 -2.49 -3.52 21.30
CA TYR B 128 -1.74 -4.24 22.32
C TYR B 128 -0.29 -3.79 22.36
N PRO B 129 0.26 -3.58 23.54
CA PRO B 129 1.66 -3.15 23.64
C PRO B 129 2.59 -4.34 23.44
N LEU B 130 3.69 -4.10 22.71
CA LEU B 130 4.67 -5.15 22.42
C LEU B 130 5.95 -4.78 23.17
N ALA B 131 6.08 -5.30 24.45
CA ALA B 131 7.35 -5.09 25.14
C ALA B 131 8.20 -6.36 25.05
N PRO B 132 9.54 -6.25 25.16
CA PRO B 132 10.36 -7.47 24.99
C PRO B 132 10.01 -8.60 25.94
N GLY B 133 9.67 -8.30 27.19
CA GLY B 133 9.31 -9.38 28.11
C GLY B 133 10.45 -10.37 28.27
N SER B 134 10.12 -11.67 28.27
CA SER B 134 11.10 -12.74 28.37
C SER B 134 12.01 -12.82 27.15
N ALA B 135 11.78 -11.99 26.13
CA ALA B 135 12.68 -11.83 25.00
C ALA B 135 13.55 -10.56 25.13
N ALA B 136 13.91 -10.20 26.36
CA ALA B 136 14.72 -8.99 26.63
C ALA B 136 15.92 -8.87 25.69
N GLN B 137 16.13 -7.68 25.16
CA GLN B 137 17.28 -7.32 24.33
C GLN B 137 18.41 -6.75 25.21
N THR B 138 19.64 -6.62 24.65
CA THR B 138 20.70 -6.07 25.48
C THR B 138 21.69 -5.16 24.76
N ASN B 139 21.35 -4.60 23.60
CA ASN B 139 22.28 -3.86 22.77
C ASN B 139 22.27 -2.37 23.18
N SER B 140 22.88 -1.47 22.39
CA SER B 140 22.73 -0.04 22.62
C SER B 140 21.36 0.48 22.17
N MET B 141 20.62 -0.35 21.44
CA MET B 141 19.29 0.05 20.93
C MET B 141 18.25 -0.95 21.42
N VAL B 142 17.01 -0.50 21.54
CA VAL B 142 15.91 -1.39 21.89
C VAL B 142 14.78 -1.16 20.90
N THR B 143 14.08 -2.23 20.53
CA THR B 143 12.94 -2.12 19.62
C THR B 143 11.67 -2.53 20.35
N LEU B 144 10.65 -1.69 20.23
CA LEU B 144 9.36 -1.89 20.87
C LEU B 144 8.30 -1.89 19.77
N GLY B 145 7.06 -2.23 20.13
CA GLY B 145 6.03 -2.25 19.11
C GLY B 145 4.62 -2.11 19.64
N CYS B 146 3.68 -1.98 18.70
CA CYS B 146 2.25 -2.03 18.98
C CYS B 146 1.56 -2.91 17.96
N LEU B 147 0.69 -3.79 18.45
CA LEU B 147 -0.11 -4.68 17.61
C LEU B 147 -1.51 -4.07 17.48
N VAL B 148 -1.97 -3.85 16.27
CA VAL B 148 -3.28 -3.26 16.02
C VAL B 148 -4.11 -4.32 15.32
N LYS B 149 -5.17 -4.80 15.98
CA LYS B 149 -5.82 -6.01 15.50
C LYS B 149 -7.34 -5.84 15.45
N GLY B 150 -7.94 -6.34 14.38
CA GLY B 150 -9.37 -6.54 14.34
C GLY B 150 -10.22 -5.36 13.92
N TYR B 151 -9.72 -4.49 13.04
CA TYR B 151 -10.47 -3.30 12.64
C TYR B 151 -10.95 -3.37 11.21
N PHE B 152 -11.93 -2.51 10.89
CA PHE B 152 -12.46 -2.43 9.55
C PHE B 152 -13.23 -1.12 9.37
N PRO B 153 -13.12 -0.46 8.21
CA PRO B 153 -12.18 -0.78 7.15
C PRO B 153 -10.82 -0.10 7.39
N GLU B 154 -9.94 -0.17 6.40
CA GLU B 154 -8.73 0.62 6.40
C GLU B 154 -9.07 2.11 6.27
N PRO B 155 -8.18 3.00 6.74
CA PRO B 155 -6.90 2.71 7.41
C PRO B 155 -6.94 3.01 8.90
N VAL B 156 -5.83 2.69 9.58
CA VAL B 156 -5.52 3.32 10.86
C VAL B 156 -4.30 4.19 10.63
N THR B 157 -4.08 5.12 11.55
CA THR B 157 -2.85 5.90 11.57
C THR B 157 -2.14 5.64 12.89
N VAL B 158 -0.86 5.29 12.83
CA VAL B 158 -0.06 5.01 14.02
C VAL B 158 1.02 6.07 14.15
N THR B 159 1.15 6.64 15.34
CA THR B 159 2.30 7.48 15.64
C THR B 159 2.88 7.05 16.97
N TRP B 160 4.08 7.54 17.26
CA TRP B 160 4.79 7.23 18.49
C TRP B 160 5.15 8.52 19.22
N ASN B 161 4.79 8.59 20.51
CA ASN B 161 5.00 9.79 21.30
C ASN B 161 4.50 11.02 20.54
N SER B 162 3.30 10.86 19.95
CA SER B 162 2.57 11.94 19.28
C SER B 162 3.30 12.47 18.05
N GLY B 163 4.09 11.63 17.38
CA GLY B 163 4.85 12.06 16.22
C GLY B 163 6.24 12.57 16.53
N SER B 164 6.60 12.71 17.81
CA SER B 164 7.93 13.15 18.20
C SER B 164 8.97 12.05 18.06
N LEU B 165 8.57 10.78 18.06
CA LEU B 165 9.46 9.71 17.61
C LEU B 165 9.03 9.41 16.18
N SER B 166 9.73 10.00 15.21
CA SER B 166 9.42 9.79 13.79
C SER B 166 10.46 8.94 13.08
N SER B 167 11.73 9.12 13.38
CA SER B 167 12.74 8.23 12.85
C SER B 167 12.72 6.90 13.62
N GLY B 168 13.25 5.87 12.97
CA GLY B 168 13.27 4.54 13.58
C GLY B 168 11.93 3.85 13.66
N VAL B 169 10.96 4.23 12.81
CA VAL B 169 9.60 3.69 12.88
C VAL B 169 9.30 2.91 11.60
N HIS B 170 8.70 1.73 11.76
CA HIS B 170 8.20 0.96 10.64
C HIS B 170 6.77 0.56 10.95
N THR B 171 5.82 1.06 10.17
CA THR B 171 4.43 0.64 10.29
C THR B 171 4.08 -0.22 9.09
N PHE B 172 3.75 -1.46 9.34
CA PHE B 172 3.65 -2.46 8.29
C PHE B 172 2.27 -2.43 7.65
N PRO B 173 2.20 -2.75 6.35
CA PRO B 173 0.90 -2.80 5.67
C PRO B 173 -0.03 -3.79 6.35
N ALA B 174 -1.29 -3.39 6.48
CA ALA B 174 -2.26 -4.22 7.17
C ALA B 174 -2.59 -5.44 6.32
N VAL B 175 -2.98 -6.51 6.98
CA VAL B 175 -3.40 -7.70 6.27
C VAL B 175 -4.72 -8.16 6.86
N LEU B 176 -5.51 -8.85 6.03
CA LEU B 176 -6.79 -9.40 6.46
C LEU B 176 -6.57 -10.70 7.25
N GLN B 177 -7.23 -10.79 8.39
CA GLN B 177 -7.12 -11.95 9.28
C GLN B 177 -8.48 -12.11 9.93
N SER B 178 -9.13 -13.25 9.69
CA SER B 178 -10.54 -13.42 10.08
C SER B 178 -11.41 -12.30 9.52
N ASP B 179 -11.11 -11.87 8.30
CA ASP B 179 -11.85 -10.83 7.56
C ASP B 179 -11.85 -9.47 8.26
N LEU B 180 -10.87 -9.22 9.13
CA LEU B 180 -10.62 -7.93 9.75
C LEU B 180 -9.13 -7.62 9.62
N TYR B 181 -8.79 -6.33 9.67
CA TYR B 181 -7.41 -5.92 9.42
C TYR B 181 -6.55 -5.99 10.69
N THR B 182 -5.29 -6.34 10.49
CA THR B 182 -4.27 -6.34 11.53
C THR B 182 -2.99 -5.77 10.95
N LEU B 183 -2.34 -4.90 11.73
CA LEU B 183 -0.97 -4.50 11.44
C LEU B 183 -0.23 -4.34 12.76
N SER B 184 1.09 -4.29 12.64
CA SER B 184 1.96 -3.91 13.76
C SER B 184 2.84 -2.75 13.32
N SER B 185 3.32 -2.01 14.31
CA SER B 185 4.27 -0.94 14.12
C SER B 185 5.44 -1.15 15.08
N SER B 186 6.65 -0.96 14.59
CA SER B 186 7.83 -1.03 15.44
C SER B 186 8.47 0.34 15.56
N VAL B 187 9.08 0.59 16.72
CA VAL B 187 9.90 1.79 16.94
C VAL B 187 11.19 1.36 17.64
N THR B 188 12.30 2.00 17.29
CA THR B 188 13.60 1.69 17.86
C THR B 188 14.21 2.96 18.47
N VAL B 189 14.63 2.86 19.72
CA VAL B 189 15.13 3.98 20.51
C VAL B 189 16.39 3.51 21.24
N PRO B 190 17.25 4.45 21.68
CA PRO B 190 18.40 4.03 22.48
C PRO B 190 17.94 3.28 23.72
N SER B 191 18.60 2.15 24.00
CA SER B 191 18.16 1.35 25.13
C SER B 191 18.33 2.09 26.45
N SER B 192 19.19 3.11 26.50
CA SER B 192 19.33 3.90 27.72
C SER B 192 18.11 4.77 27.99
N THR B 193 17.24 4.98 27.00
CA THR B 193 16.11 5.89 27.17
C THR B 193 14.80 5.20 27.53
N TRP B 194 14.79 3.86 27.62
CA TRP B 194 13.54 3.15 27.90
C TRP B 194 13.89 2.10 28.95
N PRO B 195 13.10 1.99 30.03
CA PRO B 195 11.84 2.70 30.26
C PRO B 195 11.94 4.07 30.90
N SER B 196 13.16 4.56 31.15
CA SER B 196 13.32 5.84 31.84
CA SER B 196 13.32 5.84 31.84
C SER B 196 12.53 6.95 31.17
N GLU B 197 12.42 6.93 29.86
CA GLU B 197 11.62 7.88 29.10
C GLU B 197 10.46 7.12 28.46
N THR B 198 9.24 7.63 28.64
CA THR B 198 8.06 6.88 28.22
C THR B 198 7.99 6.79 26.69
N VAL B 199 7.42 5.68 26.22
CA VAL B 199 7.19 5.41 24.81
C VAL B 199 5.75 4.95 24.66
N THR B 200 5.00 5.63 23.80
CA THR B 200 3.56 5.40 23.68
C THR B 200 3.19 5.36 22.20
N CYS B 201 2.40 4.37 21.79
CA CYS B 201 1.91 4.38 20.42
C CYS B 201 0.52 5.00 20.39
N ASN B 202 0.23 5.72 19.32
CA ASN B 202 -0.99 6.51 19.22
C ASN B 202 -1.73 5.95 18.02
N VAL B 203 -2.89 5.33 18.24
CA VAL B 203 -3.63 4.67 17.16
C VAL B 203 -4.94 5.40 16.93
N ALA B 204 -5.18 5.80 15.69
CA ALA B 204 -6.41 6.47 15.30
C ALA B 204 -7.12 5.65 14.23
N HIS B 205 -8.43 5.46 14.39
CA HIS B 205 -9.25 4.77 13.41
C HIS B 205 -10.42 5.69 13.07
N PRO B 206 -10.27 6.53 12.06
CA PRO B 206 -11.33 7.53 11.77
C PRO B 206 -12.70 6.93 11.51
N ALA B 207 -12.77 5.80 10.79
CA ALA B 207 -14.07 5.20 10.45
C ALA B 207 -14.90 4.90 11.69
N SER B 208 -14.25 4.51 12.78
CA SER B 208 -14.92 4.22 14.04
C SER B 208 -14.83 5.37 15.04
N SER B 209 -14.21 6.48 14.67
CA SER B 209 -14.00 7.62 15.56
C SER B 209 -13.36 7.19 16.88
N THR B 210 -12.29 6.40 16.78
CA THR B 210 -11.58 5.87 17.94
C THR B 210 -10.15 6.38 17.96
N LYS B 211 -9.67 6.67 19.16
CA LYS B 211 -8.28 7.08 19.34
C LYS B 211 -7.85 6.40 20.66
N VAL B 212 -6.79 5.60 20.63
CA VAL B 212 -6.27 4.91 21.81
C VAL B 212 -4.78 5.19 21.90
N ASP B 213 -4.29 5.36 23.12
CA ASP B 213 -2.85 5.36 23.39
C ASP B 213 -2.53 4.11 24.18
N LYS B 214 -1.39 3.48 23.87
CA LYS B 214 -0.86 2.35 24.63
C LYS B 214 0.56 2.67 25.03
N LYS B 215 0.78 2.89 26.32
CA LYS B 215 2.13 3.01 26.85
C LYS B 215 2.81 1.66 26.81
N ILE B 216 4.06 1.63 26.34
CA ILE B 216 4.85 0.40 26.37
C ILE B 216 5.56 0.34 27.71
N VAL B 217 5.09 -0.54 28.59
CA VAL B 217 5.66 -0.66 29.94
C VAL B 217 6.42 -1.98 30.02
N PRO B 218 7.54 -2.04 30.76
CA PRO B 218 8.19 -3.33 30.97
C PRO B 218 7.22 -4.28 31.65
N ARG B 219 7.32 -5.55 31.27
CA ARG B 219 6.35 -6.52 31.76
C ARG B 219 6.63 -6.85 33.22
N ASP B 220 5.57 -7.18 33.96
CA ASP B 220 5.72 -7.62 35.34
C ASP B 220 5.86 -9.15 35.32
N CYS B 221 7.09 -9.62 35.50
CA CYS B 221 7.41 -11.02 35.29
C CYS B 221 7.09 -11.84 36.54
#